data_7CUI
#
_entry.id   7CUI
#
_cell.length_a   126.227
_cell.length_b   126.227
_cell.length_c   121.355
_cell.angle_alpha   90.000
_cell.angle_beta   90.000
_cell.angle_gamma   90.000
#
_symmetry.space_group_name_H-M   'P 41 21 2'
#
loop_
_entity.id
_entity.type
_entity.pdbx_description
1 polymer 'Protection of telomeres protein 1'
2 polymer 'Protection of telomeres protein tpz1'
3 non-polymer 'SULFATE ION'
4 water water
#
loop_
_entity_poly.entity_id
_entity_poly.type
_entity_poly.pdbx_seq_one_letter_code
_entity_poly.pdbx_strand_id
1 'polypeptide(L)'
;SENPFIAHELKQTSVNEITAHVINEPASLKLTTISTILHAPLQNLLKPRKHRLRVQVVDFWPKSLTQFAVLSQPPSSYVW
(MSE)FALLVRDVSNVTLPVIFFDSDAAELINSSKIQPCNLADHPQ(MSE)TLQLKERLFLIWGNLEERIQHHISKGESP
TLAAEDVETPWFDIYVKEYIPVIGNTKDHQSLTFLQKRWRGFGTKIV
;
A,C
2 'polypeptide(L)'
;SQQEKPNDNTSNSRDIKNNIQFHWKN(MSE)TSLSIEECIIPKGQQLILEKESEENTTHGIYLEERK(MSE)AQGLHNSV
SETPE
;
B,D
#
loop_
_chem_comp.id
_chem_comp.type
_chem_comp.name
_chem_comp.formula
SO4 non-polymer 'SULFATE ION' 'O4 S -2'
#
# COMPACT_ATOMS: atom_id res chain seq x y z
N ASN A 16 6.13 1.76 33.07
CA ASN A 16 6.71 2.37 31.84
C ASN A 16 8.23 2.17 31.84
N GLU A 17 8.66 0.91 31.85
CA GLU A 17 10.07 0.52 31.87
C GLU A 17 10.58 0.50 30.43
N ILE A 18 11.59 1.33 30.13
CA ILE A 18 12.02 1.54 28.75
C ILE A 18 12.86 0.35 28.27
N THR A 19 12.84 0.13 26.94
CA THR A 19 13.58 -0.96 26.32
C THR A 19 15.08 -0.67 26.40
N ALA A 20 15.86 -1.75 26.54
CA ALA A 20 17.29 -1.69 26.36
C ALA A 20 17.62 -1.39 24.89
N HIS A 21 16.61 -1.51 24.01
CA HIS A 21 16.82 -1.47 22.57
C HIS A 21 16.83 -0.05 22.01
N VAL A 22 16.60 0.96 22.87
CA VAL A 22 16.65 2.34 22.41
C VAL A 22 17.54 3.14 23.35
N ILE A 23 18.62 3.70 22.79
CA ILE A 23 19.56 4.56 23.49
C ILE A 23 19.34 6.00 23.03
N ASN A 24 19.57 6.95 23.93
CA ASN A 24 19.48 8.37 23.63
C ASN A 24 20.87 9.00 23.70
N GLU A 25 21.02 10.15 23.03
CA GLU A 25 22.27 10.91 23.03
C GLU A 25 22.39 11.64 24.36
N PRO A 26 23.61 11.90 24.88
CA PRO A 26 23.78 12.68 26.10
C PRO A 26 23.20 14.08 25.94
N ALA A 27 22.26 14.44 26.83
CA ALA A 27 21.58 15.72 26.78
C ALA A 27 21.06 16.11 28.17
N SER A 28 20.90 17.43 28.37
CA SER A 28 20.52 18.00 29.66
C SER A 28 19.02 18.32 29.71
N LEU A 29 18.27 17.93 28.66
CA LEU A 29 16.83 18.14 28.61
C LEU A 29 16.16 17.23 29.64
N LYS A 30 15.10 17.74 30.28
CA LYS A 30 14.37 16.97 31.27
C LYS A 30 13.01 16.53 30.72
N LEU A 31 12.41 15.55 31.40
CA LEU A 31 11.22 14.84 30.95
C LEU A 31 9.97 15.68 31.18
N THR A 32 9.23 15.97 30.10
CA THR A 32 7.92 16.60 30.16
C THR A 32 6.89 15.70 29.46
N THR A 33 5.68 16.23 29.19
CA THR A 33 4.62 15.42 28.61
C THR A 33 4.07 16.09 27.34
N ILE A 34 3.35 15.30 26.55
CA ILE A 34 2.74 15.75 25.30
C ILE A 34 1.60 16.73 25.63
N SER A 35 0.96 16.53 26.80
CA SER A 35 -0.10 17.42 27.24
C SER A 35 0.47 18.83 27.44
N THR A 36 1.66 18.91 28.06
CA THR A 36 2.33 20.17 28.35
C THR A 36 2.71 20.88 27.05
N ILE A 37 3.17 20.10 26.06
CA ILE A 37 3.63 20.61 24.78
C ILE A 37 2.48 21.30 24.05
N LEU A 38 1.28 20.69 24.10
CA LEU A 38 0.14 21.17 23.34
C LEU A 38 -0.66 22.18 24.16
N HIS A 39 -0.69 22.01 25.50
CA HIS A 39 -1.40 22.90 26.40
C HIS A 39 -0.40 23.72 27.23
N ASN A 44 6.21 31.53 26.17
CA ASN A 44 4.97 32.34 26.01
C ASN A 44 4.74 32.65 24.52
N LEU A 45 5.78 32.40 23.69
CA LEU A 45 5.67 32.62 22.25
C LEU A 45 5.84 31.29 21.51
N LEU A 46 5.80 31.36 20.18
CA LEU A 46 6.04 30.24 19.29
C LEU A 46 7.41 30.39 18.66
N LYS A 47 8.45 30.02 19.43
CA LYS A 47 9.82 29.92 18.96
C LYS A 47 10.19 28.43 18.92
N PRO A 48 11.39 28.03 18.42
CA PRO A 48 11.78 26.63 18.43
C PRO A 48 12.07 26.12 19.85
N ARG A 49 11.57 24.92 20.16
CA ARG A 49 11.69 24.30 21.46
C ARG A 49 12.33 22.91 21.30
N LYS A 50 12.78 22.33 22.41
CA LYS A 50 13.50 21.07 22.43
C LYS A 50 13.05 20.29 23.66
N HIS A 51 12.29 19.21 23.46
CA HIS A 51 11.65 18.48 24.56
C HIS A 51 12.14 17.04 24.64
N ARG A 52 11.82 16.38 25.75
CA ARG A 52 12.15 14.99 26.01
C ARG A 52 10.90 14.29 26.50
N LEU A 53 10.61 13.10 25.94
CA LEU A 53 9.38 12.40 26.26
C LEU A 53 9.66 10.92 26.49
N ARG A 54 8.86 10.31 27.38
CA ARG A 54 8.83 8.86 27.55
C ARG A 54 7.56 8.36 26.90
N VAL A 55 7.73 7.50 25.88
CA VAL A 55 6.71 7.42 24.84
C VAL A 55 6.54 5.98 24.32
N GLN A 56 5.43 5.77 23.62
CA GLN A 56 5.04 4.50 23.02
C GLN A 56 4.58 4.81 21.60
N VAL A 57 4.92 3.97 20.63
CA VAL A 57 4.46 4.19 19.27
C VAL A 57 3.06 3.59 19.12
N VAL A 58 2.16 4.38 18.51
CA VAL A 58 0.74 4.05 18.48
C VAL A 58 0.26 3.96 17.03
N ASP A 59 1.01 4.58 16.11
CA ASP A 59 0.69 4.60 14.69
C ASP A 59 1.92 5.11 13.93
N PHE A 60 1.90 4.99 12.59
CA PHE A 60 2.98 5.53 11.76
C PHE A 60 2.50 5.80 10.34
N TRP A 61 3.30 6.61 9.62
CA TRP A 61 3.04 7.03 8.24
C TRP A 61 4.37 7.10 7.48
N PRO A 62 4.43 6.62 6.21
CA PRO A 62 3.32 5.97 5.53
C PRO A 62 3.11 4.51 5.96
N LYS A 63 2.03 3.90 5.46
CA LYS A 63 1.62 2.59 5.92
C LYS A 63 2.52 1.49 5.35
N SER A 64 3.05 1.69 4.14
CA SER A 64 4.02 0.76 3.56
C SER A 64 5.42 1.18 3.96
N LEU A 65 6.19 0.22 4.50
CA LEU A 65 7.60 0.42 4.77
C LEU A 65 8.33 0.61 3.44
N THR A 66 7.68 0.20 2.37
CA THR A 66 8.18 0.33 1.01
C THR A 66 8.31 1.81 0.64
N GLN A 67 7.61 2.67 1.39
CA GLN A 67 7.56 4.08 1.08
C GLN A 67 8.27 4.89 2.16
N PHE A 68 9.11 4.22 2.96
CA PHE A 68 9.79 4.87 4.08
C PHE A 68 10.97 5.72 3.60
N ALA A 69 11.40 5.56 2.35
CA ALA A 69 12.37 6.46 1.75
C ALA A 69 11.74 7.09 0.51
N VAL A 70 11.95 8.40 0.33
CA VAL A 70 11.38 9.12 -0.79
C VAL A 70 12.49 9.68 -1.66
N LEU A 71 12.16 9.95 -2.93
CA LEU A 71 13.09 10.56 -3.87
C LEU A 71 13.25 12.04 -3.52
N SER A 72 14.50 12.47 -3.32
CA SER A 72 14.80 13.87 -3.03
C SER A 72 15.39 14.57 -4.24
N GLN A 73 16.46 13.99 -4.80
CA GLN A 73 17.16 14.52 -5.96
C GLN A 73 17.19 13.46 -7.05
N PRO A 74 16.59 13.71 -8.24
CA PRO A 74 16.72 12.79 -9.38
C PRO A 74 18.17 12.55 -9.81
N PRO A 75 18.50 11.41 -10.48
CA PRO A 75 17.53 10.38 -10.85
C PRO A 75 17.19 9.29 -9.83
N SER A 76 18.08 9.06 -8.85
CA SER A 76 17.80 8.03 -7.85
C SER A 76 18.50 8.29 -6.52
N SER A 77 18.39 9.52 -6.00
CA SER A 77 18.85 9.85 -4.65
C SER A 77 17.66 9.93 -3.70
N TYR A 78 17.65 9.05 -2.69
CA TYR A 78 16.52 8.92 -1.78
C TYR A 78 16.92 9.40 -0.38
N VAL A 79 15.91 9.75 0.43
CA VAL A 79 16.12 10.10 1.82
C VAL A 79 15.03 9.46 2.67
N TRP A 80 15.37 9.18 3.93
CA TRP A 80 14.42 8.70 4.91
C TRP A 80 13.40 9.79 5.19
N MSE A 81 12.12 9.42 5.18
CA MSE A 81 11.07 10.30 5.66
C MSE A 81 9.85 9.47 6.06
O MSE A 81 9.19 8.86 5.23
CB MSE A 81 10.72 11.37 4.62
CG MSE A 81 9.73 12.37 5.13
SE MSE A 81 9.02 13.43 3.66
CE MSE A 81 7.74 12.36 2.61
N PHE A 82 9.56 9.47 7.37
CA PHE A 82 8.40 8.81 7.93
C PHE A 82 8.05 9.48 9.26
N ALA A 83 6.85 9.18 9.76
CA ALA A 83 6.40 9.77 11.01
C ALA A 83 5.87 8.68 11.94
N LEU A 84 6.19 8.80 13.23
CA LEU A 84 5.66 7.93 14.25
C LEU A 84 4.65 8.74 15.07
N LEU A 85 3.42 8.22 15.18
CA LEU A 85 2.47 8.80 16.12
C LEU A 85 2.75 8.22 17.50
N VAL A 86 3.22 9.08 18.42
CA VAL A 86 3.64 8.60 19.73
C VAL A 86 2.63 9.02 20.80
N ARG A 87 2.61 8.26 21.91
CA ARG A 87 1.69 8.52 23.02
C ARG A 87 2.45 8.46 24.34
N ASP A 88 2.06 9.36 25.25
CA ASP A 88 2.74 9.70 26.49
C ASP A 88 1.84 9.25 27.64
N VAL A 89 2.38 9.34 28.87
CA VAL A 89 1.66 9.06 30.11
C VAL A 89 0.32 9.79 30.14
N SER A 90 0.23 10.94 29.45
CA SER A 90 -0.92 11.83 29.58
C SER A 90 -2.00 11.57 28.52
N ASN A 91 -1.93 10.42 27.85
CA ASN A 91 -2.98 9.93 26.96
C ASN A 91 -3.24 10.88 25.79
N VAL A 92 -2.19 11.58 25.32
CA VAL A 92 -2.30 12.44 24.17
C VAL A 92 -1.18 12.11 23.18
N THR A 93 -1.49 12.22 21.88
CA THR A 93 -0.59 11.79 20.84
C THR A 93 0.15 12.97 20.20
N LEU A 94 1.27 12.67 19.56
CA LEU A 94 2.07 13.66 18.84
C LEU A 94 2.68 12.97 17.62
N PRO A 95 2.58 13.57 16.41
CA PRO A 95 3.28 13.06 15.23
C PRO A 95 4.72 13.57 15.22
N VAL A 96 5.65 12.62 15.29
CA VAL A 96 7.08 12.90 15.36
C VAL A 96 7.71 12.43 14.03
N ILE A 97 8.29 13.38 13.31
CA ILE A 97 8.86 13.11 11.99
C ILE A 97 10.32 12.68 12.14
N PHE A 98 10.66 11.55 11.50
CA PHE A 98 12.05 11.15 11.32
C PHE A 98 12.44 11.36 9.86
N PHE A 99 13.41 12.24 9.65
CA PHE A 99 13.84 12.67 8.33
C PHE A 99 15.36 12.53 8.25
N ASP A 100 15.82 12.06 7.08
CA ASP A 100 17.23 12.13 6.68
C ASP A 100 18.14 11.58 7.78
N SER A 101 19.08 12.42 8.26
CA SER A 101 20.13 11.98 9.16
C SER A 101 19.59 11.56 10.54
N ASP A 102 18.45 12.14 10.95
CA ASP A 102 17.83 11.78 12.22
C ASP A 102 17.21 10.40 12.13
N ALA A 103 16.63 10.09 10.97
CA ALA A 103 16.05 8.78 10.70
C ALA A 103 17.16 7.73 10.59
N ALA A 104 18.30 8.13 9.99
CA ALA A 104 19.47 7.27 9.92
C ALA A 104 19.99 6.97 11.33
N GLU A 105 19.96 7.99 12.20
CA GLU A 105 20.36 7.87 13.60
C GLU A 105 19.50 6.81 14.30
N LEU A 106 18.18 6.90 14.13
CA LEU A 106 17.25 5.97 14.73
C LEU A 106 17.51 4.56 14.20
N ILE A 107 17.56 4.41 12.87
CA ILE A 107 17.70 3.10 12.24
C ILE A 107 18.98 2.44 12.70
N ASN A 108 20.09 3.18 12.66
CA ASN A 108 21.35 2.79 13.29
C ASN A 108 21.86 1.48 12.69
N SER A 109 21.99 1.44 11.36
CA SER A 109 22.39 0.22 10.66
C SER A 109 23.06 0.57 9.33
N SER A 110 24.31 0.15 9.19
CA SER A 110 25.12 0.42 8.02
C SER A 110 24.47 -0.12 6.74
N LYS A 111 23.76 -1.27 6.86
CA LYS A 111 23.25 -1.99 5.70
C LYS A 111 21.87 -1.48 5.29
N ILE A 112 21.23 -0.69 6.15
CA ILE A 112 19.93 -0.11 5.83
C ILE A 112 20.14 1.35 5.42
N GLN A 113 19.99 1.60 4.12
CA GLN A 113 20.24 2.92 3.55
C GLN A 113 19.02 3.36 2.75
N PRO A 114 18.76 4.69 2.61
CA PRO A 114 17.66 5.16 1.79
C PRO A 114 17.89 4.80 0.32
N CYS A 115 16.84 4.27 -0.30
CA CYS A 115 16.82 3.91 -1.70
C CYS A 115 15.36 3.63 -2.07
N ASN A 116 15.13 3.18 -3.30
CA ASN A 116 13.82 2.67 -3.68
C ASN A 116 13.61 1.33 -2.97
N LEU A 117 12.75 1.32 -1.96
CA LEU A 117 12.63 0.16 -1.07
C LEU A 117 11.88 -0.98 -1.79
N ALA A 118 10.98 -0.63 -2.73
CA ALA A 118 10.28 -1.64 -3.50
C ALA A 118 11.27 -2.51 -4.27
N ASP A 119 12.36 -1.90 -4.76
CA ASP A 119 13.41 -2.64 -5.47
C ASP A 119 14.38 -3.34 -4.51
N HIS A 120 14.19 -3.16 -3.20
CA HIS A 120 15.06 -3.78 -2.20
C HIS A 120 14.26 -4.57 -1.18
N PRO A 121 13.70 -5.74 -1.55
CA PRO A 121 12.91 -6.53 -0.60
C PRO A 121 13.67 -6.95 0.65
N GLN A 122 14.93 -7.39 0.49
CA GLN A 122 15.74 -7.87 1.60
C GLN A 122 15.97 -6.75 2.62
N MSE A 123 16.30 -5.57 2.09
CA MSE A 123 16.52 -4.41 2.95
C MSE A 123 15.24 -3.96 3.63
O MSE A 123 15.28 -3.48 4.76
CB MSE A 123 17.13 -3.25 2.15
CG MSE A 123 17.83 -2.29 3.06
SE MSE A 123 18.32 -0.73 2.03
CE MSE A 123 20.04 -1.16 1.16
N THR A 124 14.10 -4.08 2.92
CA THR A 124 12.81 -3.78 3.52
C THR A 124 12.57 -4.69 4.72
N LEU A 125 12.85 -5.99 4.57
CA LEU A 125 12.74 -6.96 5.66
C LEU A 125 13.65 -6.58 6.82
N GLN A 126 14.85 -6.08 6.50
CA GLN A 126 15.82 -5.69 7.51
C GLN A 126 15.34 -4.47 8.28
N LEU A 127 14.67 -3.55 7.57
CA LEU A 127 14.08 -2.36 8.15
C LEU A 127 12.96 -2.77 9.11
N LYS A 128 12.08 -3.68 8.65
CA LYS A 128 10.99 -4.20 9.45
C LYS A 128 11.55 -4.71 10.79
N GLU A 129 12.62 -5.51 10.70
CA GLU A 129 13.18 -6.21 11.85
C GLU A 129 13.76 -5.22 12.83
N ARG A 130 14.33 -4.13 12.31
CA ARG A 130 14.93 -3.11 13.16
C ARG A 130 13.83 -2.31 13.87
N LEU A 131 12.80 -1.91 13.11
CA LEU A 131 11.71 -1.11 13.64
C LEU A 131 10.84 -1.95 14.57
N PHE A 132 10.96 -3.27 14.49
CA PHE A 132 10.26 -4.16 15.40
C PHE A 132 10.65 -3.82 16.84
N LEU A 133 11.89 -3.35 17.02
CA LEU A 133 12.44 -3.09 18.35
C LEU A 133 11.84 -1.84 18.98
N ILE A 134 11.13 -1.01 18.19
CA ILE A 134 10.52 0.20 18.74
C ILE A 134 8.99 0.12 18.75
N TRP A 135 8.38 -0.70 17.88
CA TRP A 135 6.92 -0.74 17.83
C TRP A 135 6.36 -2.16 17.89
N GLY A 136 7.19 -3.16 18.19
CA GLY A 136 6.72 -4.53 18.35
C GLY A 136 5.85 -4.99 17.18
N ASN A 137 4.65 -5.49 17.50
CA ASN A 137 3.77 -6.09 16.50
C ASN A 137 2.82 -5.07 15.87
N LEU A 138 3.13 -3.77 16.02
CA LEU A 138 2.27 -2.71 15.51
C LEU A 138 2.10 -2.81 13.98
N GLU A 139 3.22 -2.96 13.26
CA GLU A 139 3.19 -2.93 11.80
C GLU A 139 2.37 -4.12 11.28
N GLU A 140 2.60 -5.28 11.91
CA GLU A 140 1.94 -6.53 11.55
C GLU A 140 0.43 -6.36 11.66
N ARG A 141 0.01 -5.71 12.74
CA ARG A 141 -1.40 -5.54 13.07
C ARG A 141 -2.00 -4.48 12.16
N ILE A 142 -1.23 -3.42 11.88
CA ILE A 142 -1.70 -2.37 10.99
C ILE A 142 -1.96 -2.96 9.61
N GLN A 143 -1.02 -3.80 9.13
CA GLN A 143 -1.19 -4.44 7.83
C GLN A 143 -2.34 -5.46 7.88
N HIS A 144 -2.49 -6.11 9.04
CA HIS A 144 -3.56 -7.07 9.23
C HIS A 144 -4.91 -6.38 9.01
N HIS A 145 -5.06 -5.18 9.57
CA HIS A 145 -6.34 -4.47 9.51
C HIS A 145 -6.61 -3.95 8.09
N ILE A 146 -5.56 -3.45 7.44
CA ILE A 146 -5.69 -2.94 6.09
C ILE A 146 -6.23 -4.04 5.17
N SER A 147 -5.69 -5.26 5.30
CA SER A 147 -6.09 -6.38 4.46
C SER A 147 -7.52 -6.84 4.76
N LYS A 148 -7.98 -6.57 6.00
CA LYS A 148 -9.30 -6.98 6.46
C LYS A 148 -10.32 -5.89 6.16
N GLY A 149 -9.86 -4.71 5.73
CA GLY A 149 -10.72 -3.60 5.36
C GLY A 149 -11.13 -2.77 6.56
N GLU A 150 -10.28 -2.75 7.59
CA GLU A 150 -10.55 -2.08 8.85
C GLU A 150 -9.54 -0.97 9.06
N SER A 151 -9.81 -0.08 10.02
CA SER A 151 -8.97 1.08 10.25
C SER A 151 -7.65 0.66 10.89
N PRO A 152 -6.51 1.15 10.36
CA PRO A 152 -5.21 0.97 11.01
C PRO A 152 -5.09 1.40 12.48
N THR A 153 -6.02 2.27 12.95
CA THR A 153 -5.93 2.79 14.30
C THR A 153 -6.36 1.76 15.33
N LEU A 154 -7.01 0.69 14.85
CA LEU A 154 -7.43 -0.42 15.68
C LEU A 154 -6.20 -1.17 16.21
N ALA A 155 -5.09 -1.09 15.46
CA ALA A 155 -3.91 -1.87 15.74
C ALA A 155 -3.31 -1.53 17.12
N ALA A 156 -3.32 -0.24 17.47
CA ALA A 156 -2.69 0.25 18.68
C ALA A 156 -3.20 -0.48 19.93
N GLU A 157 -4.48 -0.85 19.94
CA GLU A 157 -5.09 -1.40 21.13
C GLU A 157 -5.01 -2.93 21.12
N ASP A 158 -4.60 -3.49 19.99
CA ASP A 158 -4.41 -4.93 19.86
C ASP A 158 -3.15 -5.38 20.60
N VAL A 159 -2.13 -4.50 20.65
CA VAL A 159 -0.79 -4.91 21.03
C VAL A 159 -0.19 -3.94 22.04
N GLU A 160 0.79 -4.45 22.80
CA GLU A 160 1.64 -3.63 23.65
C GLU A 160 2.92 -3.30 22.89
N THR A 161 3.15 -2.01 22.68
CA THR A 161 4.35 -1.53 22.03
C THR A 161 5.32 -1.02 23.11
N PRO A 162 6.65 -1.18 22.93
CA PRO A 162 7.61 -0.80 23.98
C PRO A 162 7.68 0.68 24.29
N TRP A 163 8.23 0.99 25.47
CA TRP A 163 8.43 2.35 25.96
C TRP A 163 9.89 2.76 25.75
N PHE A 164 10.10 4.02 25.38
CA PHE A 164 11.44 4.57 25.18
C PHE A 164 11.40 6.08 25.33
N ASP A 165 12.57 6.66 25.64
CA ASP A 165 12.72 8.10 25.69
C ASP A 165 13.00 8.61 24.29
N ILE A 166 12.45 9.77 23.95
CA ILE A 166 12.57 10.36 22.62
C ILE A 166 12.85 11.86 22.78
N TYR A 167 13.77 12.39 21.97
CA TYR A 167 13.96 13.83 21.89
C TYR A 167 13.25 14.35 20.64
N VAL A 168 12.55 15.48 20.79
CA VAL A 168 11.90 16.11 19.64
C VAL A 168 12.32 17.57 19.57
N LYS A 169 12.53 18.05 18.34
CA LYS A 169 12.72 19.47 18.10
C LYS A 169 11.47 20.04 17.44
N GLU A 170 10.90 21.06 18.08
CA GLU A 170 9.69 21.73 17.65
C GLU A 170 10.08 22.93 16.79
N TYR A 171 9.36 23.12 15.68
CA TYR A 171 9.71 24.14 14.70
C TYR A 171 8.50 24.40 13.80
N ILE A 172 8.59 25.47 13.01
CA ILE A 172 7.53 25.85 12.08
C ILE A 172 8.15 25.96 10.69
N PRO A 173 7.86 25.03 9.74
CA PRO A 173 8.48 25.09 8.42
C PRO A 173 7.74 26.08 7.52
N VAL A 174 8.41 26.47 6.43
CA VAL A 174 7.85 27.33 5.41
C VAL A 174 7.13 26.45 4.40
N ILE A 175 5.79 26.44 4.45
CA ILE A 175 4.99 25.74 3.46
C ILE A 175 4.25 26.78 2.61
N SER A 183 -1.71 34.34 8.44
CA SER A 183 -1.67 34.01 9.89
C SER A 183 -0.66 32.88 10.13
N LEU A 184 -0.51 32.49 11.41
CA LEU A 184 0.38 31.42 11.86
C LEU A 184 -0.14 30.87 13.19
N THR A 185 -0.60 29.61 13.14
CA THR A 185 -1.28 28.97 14.28
C THR A 185 -0.45 27.77 14.76
N PHE A 186 -1.04 26.99 15.67
CA PHE A 186 -0.36 25.85 16.24
C PHE A 186 -0.37 24.66 15.28
N LEU A 187 -1.38 24.65 14.38
CA LEU A 187 -1.49 23.66 13.32
C LEU A 187 -0.26 23.71 12.42
N GLN A 188 0.55 24.77 12.58
CA GLN A 188 1.65 25.03 11.67
C GLN A 188 2.97 24.53 12.27
N LYS A 189 2.92 24.04 13.51
CA LYS A 189 4.11 23.48 14.13
C LYS A 189 4.30 22.04 13.69
N ARG A 190 5.57 21.63 13.56
CA ARG A 190 5.96 20.25 13.30
C ARG A 190 6.95 19.83 14.38
N TRP A 191 7.02 18.52 14.64
CA TRP A 191 7.99 17.95 15.56
C TRP A 191 8.87 16.94 14.84
N ARG A 192 10.17 16.95 15.18
CA ARG A 192 11.14 16.11 14.53
C ARG A 192 11.95 15.35 15.58
N GLY A 193 11.95 14.01 15.47
CA GLY A 193 12.77 13.19 16.36
C GLY A 193 14.26 13.38 16.08
N PHE A 194 15.08 13.16 17.11
CA PHE A 194 16.53 13.19 16.97
C PHE A 194 17.19 12.60 18.22
N GLY A 195 18.50 12.36 18.12
CA GLY A 195 19.33 11.94 19.24
C GLY A 195 18.84 10.64 19.88
N THR A 196 18.38 9.71 19.03
CA THR A 196 17.73 8.49 19.49
C THR A 196 18.12 7.36 18.54
N LYS A 197 18.70 6.28 19.08
CA LYS A 197 19.17 5.20 18.23
C LYS A 197 18.65 3.85 18.73
N ILE A 198 18.28 2.98 17.78
CA ILE A 198 17.89 1.60 18.05
C ILE A 198 19.15 0.76 18.17
N VAL A 199 19.20 -0.11 19.18
CA VAL A 199 20.40 -0.84 19.53
C VAL A 199 20.06 -2.30 19.84
N PHE B 22 -6.53 13.49 18.73
CA PHE B 22 -6.67 14.46 17.60
C PHE B 22 -6.24 13.79 16.29
N HIS B 23 -6.96 14.10 15.20
CA HIS B 23 -6.63 13.59 13.88
C HIS B 23 -5.56 14.47 13.22
N TRP B 24 -4.30 14.06 13.35
CA TRP B 24 -3.16 14.82 12.85
C TRP B 24 -3.02 14.66 11.34
N LYS B 25 -2.47 15.71 10.71
CA LYS B 25 -2.33 15.77 9.26
C LYS B 25 -1.30 14.74 8.78
N ASN B 26 -0.25 14.54 9.59
CA ASN B 26 0.90 13.74 9.21
C ASN B 26 0.55 12.26 9.09
N MSE B 27 -0.60 11.88 9.66
CA MSE B 27 -1.05 10.50 9.65
C MSE B 27 -1.84 10.21 8.37
O MSE B 27 -2.34 9.10 8.20
CB MSE B 27 -1.90 10.18 10.89
CG MSE B 27 -1.09 10.02 12.16
SE MSE B 27 0.29 8.62 11.99
CE MSE B 27 2.07 9.43 11.99
N THR B 28 -1.93 11.20 7.47
CA THR B 28 -2.57 11.02 6.17
C THR B 28 -1.66 11.43 5.03
N SER B 29 -0.82 12.46 5.26
CA SER B 29 0.03 13.04 4.22
C SER B 29 1.30 13.59 4.85
N LEU B 30 2.41 13.56 4.09
CA LEU B 30 3.69 14.07 4.55
C LEU B 30 4.57 14.39 3.36
N SER B 31 5.14 15.61 3.38
CA SER B 31 5.95 16.12 2.28
C SER B 31 7.31 16.57 2.80
N ILE B 32 8.27 16.73 1.88
CA ILE B 32 9.63 17.13 2.22
C ILE B 32 9.63 18.56 2.77
N GLU B 33 8.73 19.41 2.26
CA GLU B 33 8.56 20.78 2.75
C GLU B 33 8.53 20.79 4.28
N GLU B 34 7.66 19.95 4.86
CA GLU B 34 7.31 20.00 6.27
C GLU B 34 8.48 19.57 7.15
N CYS B 35 9.45 18.89 6.54
CA CYS B 35 10.56 18.27 7.28
C CYS B 35 11.72 19.25 7.42
N ILE B 36 11.73 20.30 6.59
CA ILE B 36 12.85 21.23 6.53
C ILE B 36 12.69 22.27 7.64
N ILE B 37 13.70 22.34 8.52
CA ILE B 37 13.74 23.34 9.57
C ILE B 37 14.39 24.59 9.00
N PRO B 38 13.71 25.77 8.97
CA PRO B 38 14.32 27.00 8.47
C PRO B 38 15.65 27.29 9.17
N LYS B 39 16.58 27.89 8.42
CA LYS B 39 17.97 28.06 8.82
C LYS B 39 18.07 28.86 10.13
N GLY B 40 17.20 29.85 10.30
CA GLY B 40 17.18 30.68 11.49
C GLY B 40 16.77 29.89 12.73
N GLN B 41 15.76 29.02 12.57
CA GLN B 41 15.26 28.23 13.68
C GLN B 41 16.26 27.13 14.03
N GLN B 42 16.98 26.65 13.00
CA GLN B 42 17.99 25.63 13.18
C GLN B 42 19.13 26.19 14.03
N LEU B 43 19.47 27.46 13.79
CA LEU B 43 20.56 28.12 14.50
C LEU B 43 20.21 28.27 15.98
N ILE B 44 18.93 28.54 16.28
CA ILE B 44 18.51 28.72 17.66
C ILE B 44 18.68 27.39 18.41
N LEU B 45 18.25 26.30 17.78
CA LEU B 45 18.32 24.98 18.37
C LEU B 45 19.78 24.56 18.57
N GLU B 46 20.63 24.88 17.59
CA GLU B 46 22.04 24.48 17.60
C GLU B 46 22.80 25.17 18.73
N LYS B 47 22.49 26.45 18.97
CA LYS B 47 23.21 27.22 19.98
C LYS B 47 22.81 26.76 21.38
N GLU B 48 21.51 26.52 21.58
CA GLU B 48 20.99 26.14 22.88
C GLU B 48 21.44 24.73 23.25
N SER B 49 21.92 23.98 22.24
CA SER B 49 22.51 22.67 22.46
C SER B 49 23.97 22.84 22.91
N ASN C 16 2.39 -11.34 -31.36
CA ASN C 16 1.29 -11.79 -30.47
C ASN C 16 1.25 -13.31 -30.41
N GLU C 17 2.39 -13.90 -30.03
CA GLU C 17 2.51 -15.32 -29.75
C GLU C 17 2.22 -15.54 -28.27
N ILE C 18 1.26 -16.40 -27.95
CA ILE C 18 0.76 -16.54 -26.59
C ILE C 18 1.68 -17.44 -25.75
N THR C 19 1.63 -17.25 -24.43
CA THR C 19 2.46 -17.99 -23.50
C THR C 19 1.96 -19.42 -23.37
N ALA C 20 2.91 -20.34 -23.18
CA ALA C 20 2.62 -21.71 -22.80
C ALA C 20 2.09 -21.76 -21.37
N HIS C 21 2.20 -20.63 -20.66
CA HIS C 21 1.91 -20.58 -19.23
C HIS C 21 0.45 -20.27 -18.94
N VAL C 22 -0.38 -20.16 -19.98
CA VAL C 22 -1.80 -19.88 -19.79
C VAL C 22 -2.65 -20.79 -20.67
N ILE C 23 -3.35 -21.74 -20.02
CA ILE C 23 -4.27 -22.66 -20.67
C ILE C 23 -5.68 -22.09 -20.57
N ASN C 24 -6.54 -22.47 -21.52
CA ASN C 24 -7.95 -22.07 -21.51
C ASN C 24 -8.83 -23.32 -21.54
N GLU C 25 -10.06 -23.16 -21.06
CA GLU C 25 -11.05 -24.24 -21.00
C GLU C 25 -11.60 -24.46 -22.41
N PRO C 26 -12.01 -25.71 -22.76
CA PRO C 26 -12.60 -25.95 -24.08
C PRO C 26 -13.90 -25.16 -24.21
N ALA C 27 -13.98 -24.34 -25.26
CA ALA C 27 -15.15 -23.52 -25.53
C ALA C 27 -15.27 -23.24 -27.02
N SER C 28 -16.49 -22.90 -27.44
CA SER C 28 -16.82 -22.68 -28.84
C SER C 28 -16.89 -21.19 -29.16
N LEU C 29 -16.32 -20.36 -28.27
CA LEU C 29 -16.28 -18.92 -28.48
C LEU C 29 -15.19 -18.61 -29.50
N LYS C 30 -15.43 -17.58 -30.33
CA LYS C 30 -14.43 -17.12 -31.29
C LYS C 30 -13.89 -15.75 -30.90
N LEU C 31 -12.71 -15.42 -31.45
CA LEU C 31 -11.91 -14.28 -31.06
C LEU C 31 -12.55 -12.99 -31.59
N THR C 32 -12.79 -12.03 -30.68
CA THR C 32 -13.18 -10.68 -31.06
C THR C 32 -12.20 -9.68 -30.43
N THR C 33 -12.56 -8.40 -30.44
CA THR C 33 -11.69 -7.34 -29.95
C THR C 33 -12.40 -6.54 -28.86
N ILE C 34 -11.61 -5.82 -28.05
CA ILE C 34 -12.13 -4.95 -27.00
C ILE C 34 -12.89 -3.80 -27.66
N SER C 35 -12.42 -3.35 -28.83
CA SER C 35 -13.06 -2.30 -29.57
C SER C 35 -14.49 -2.72 -29.96
N THR C 36 -14.63 -3.99 -30.37
CA THR C 36 -15.91 -4.53 -30.79
C THR C 36 -16.89 -4.55 -29.62
N ILE C 37 -16.39 -4.92 -28.43
CA ILE C 37 -17.22 -5.02 -27.24
C ILE C 37 -17.76 -3.64 -26.89
N LEU C 38 -16.90 -2.62 -26.94
CA LEU C 38 -17.26 -1.29 -26.47
C LEU C 38 -17.93 -0.48 -27.58
N HIS C 39 -17.66 -0.84 -28.84
CA HIS C 39 -18.19 -0.11 -29.99
C HIS C 39 -18.90 -1.10 -30.92
N ASN C 44 -29.21 -4.93 -30.87
CA ASN C 44 -28.57 -4.34 -29.67
C ASN C 44 -29.56 -4.39 -28.51
N LEU C 45 -29.31 -5.31 -27.58
CA LEU C 45 -30.03 -5.37 -26.30
C LEU C 45 -28.99 -5.59 -25.20
N LEU C 46 -29.39 -5.37 -23.93
CA LEU C 46 -28.44 -5.48 -22.82
C LEU C 46 -28.72 -6.72 -21.98
N LYS C 47 -28.49 -7.88 -22.63
CA LYS C 47 -28.42 -9.19 -22.00
C LYS C 47 -26.96 -9.50 -21.68
N PRO C 48 -26.67 -10.53 -20.86
CA PRO C 48 -25.28 -10.94 -20.62
C PRO C 48 -24.65 -11.59 -21.85
N ARG C 49 -23.44 -11.13 -22.20
CA ARG C 49 -22.67 -11.65 -23.31
C ARG C 49 -21.46 -12.42 -22.78
N LYS C 50 -20.76 -13.12 -23.68
CA LYS C 50 -19.67 -14.01 -23.31
C LYS C 50 -18.64 -13.97 -24.45
N HIS C 51 -17.45 -13.38 -24.19
CA HIS C 51 -16.49 -13.08 -25.24
C HIS C 51 -15.18 -13.83 -25.05
N ARG C 52 -14.32 -13.75 -26.07
CA ARG C 52 -12.99 -14.34 -26.10
C ARG C 52 -12.01 -13.33 -26.70
N LEU C 53 -10.89 -13.08 -25.98
CA LEU C 53 -9.93 -12.06 -26.37
C LEU C 53 -8.52 -12.61 -26.29
N ARG C 54 -7.62 -12.02 -27.09
CA ARG C 54 -6.18 -12.25 -27.02
C ARG C 54 -5.53 -10.96 -26.53
N VAL C 55 -4.85 -11.04 -25.38
CA VAL C 55 -4.77 -9.87 -24.52
C VAL C 55 -3.43 -9.79 -23.81
N GLN C 56 -3.14 -8.61 -23.27
CA GLN C 56 -1.91 -8.28 -22.55
C GLN C 56 -2.31 -7.52 -21.29
N VAL C 57 -1.72 -7.87 -20.13
CA VAL C 57 -2.02 -7.15 -18.90
C VAL C 57 -1.23 -5.85 -18.88
N VAL C 58 -1.93 -4.75 -18.57
CA VAL C 58 -1.36 -3.41 -18.66
C VAL C 58 -1.38 -2.72 -17.30
N ASP C 59 -2.25 -3.19 -16.40
CA ASP C 59 -2.41 -2.62 -15.07
C ASP C 59 -3.28 -3.55 -14.23
N PHE C 60 -3.32 -3.33 -12.91
CA PHE C 60 -4.19 -4.11 -12.04
C PHE C 60 -4.58 -3.33 -10.80
N TRP C 61 -5.59 -3.86 -10.09
CA TRP C 61 -6.10 -3.29 -8.86
C TRP C 61 -6.49 -4.42 -7.90
N PRO C 62 -6.17 -4.35 -6.58
CA PRO C 62 -5.44 -3.24 -5.99
C PRO C 62 -3.94 -3.28 -6.27
N LYS C 63 -3.22 -2.23 -5.89
CA LYS C 63 -1.80 -2.13 -6.17
C LYS C 63 -0.99 -3.09 -5.28
N SER C 64 -1.45 -3.34 -4.04
CA SER C 64 -0.79 -4.27 -3.13
C SER C 64 -1.37 -5.66 -3.32
N LEU C 65 -0.49 -6.64 -3.58
CA LEU C 65 -0.89 -8.04 -3.67
C LEU C 65 -1.44 -8.51 -2.32
N THR C 66 -1.13 -7.73 -1.29
CA THR C 66 -1.56 -7.97 0.08
C THR C 66 -3.08 -7.81 0.19
N GLN C 67 -3.68 -7.18 -0.82
CA GLN C 67 -5.10 -6.86 -0.76
C GLN C 67 -5.87 -7.64 -1.83
N PHE C 68 -5.24 -8.70 -2.37
CA PHE C 68 -5.81 -9.48 -3.45
C PHE C 68 -6.90 -10.41 -2.93
N ALA C 69 -6.88 -10.71 -1.63
CA ALA C 69 -7.98 -11.41 -0.98
C ALA C 69 -8.69 -10.44 -0.03
N VAL C 70 -10.03 -10.47 -0.05
CA VAL C 70 -10.82 -9.59 0.80
C VAL C 70 -11.76 -10.43 1.68
N LEU C 71 -12.19 -9.83 2.80
CA LEU C 71 -13.09 -10.47 3.74
C LEU C 71 -14.50 -10.48 3.14
N SER C 72 -15.09 -11.68 3.08
CA SER C 72 -16.46 -11.83 2.60
C SER C 72 -17.40 -12.18 3.75
N GLN C 73 -16.97 -13.10 4.62
CA GLN C 73 -17.75 -13.56 5.75
C GLN C 73 -16.91 -13.45 7.03
N PRO C 74 -17.32 -12.63 8.02
CA PRO C 74 -16.68 -12.63 9.34
C PRO C 74 -16.76 -13.98 10.05
N PRO C 75 -15.77 -14.35 10.90
CA PRO C 75 -14.68 -13.45 11.27
C PRO C 75 -13.46 -13.39 10.34
N SER C 76 -13.15 -14.50 9.65
CA SER C 76 -11.92 -14.56 8.89
C SER C 76 -12.01 -15.42 7.63
N SER C 77 -13.13 -15.32 6.90
CA SER C 77 -13.30 -16.01 5.63
C SER C 77 -13.06 -15.03 4.47
N TYR C 78 -12.09 -15.37 3.62
CA TYR C 78 -11.67 -14.47 2.56
C TYR C 78 -12.01 -15.05 1.20
N VAL C 79 -12.18 -14.16 0.20
CA VAL C 79 -12.28 -14.58 -1.20
C VAL C 79 -11.32 -13.74 -2.03
N TRP C 80 -10.89 -14.31 -3.17
CA TRP C 80 -10.08 -13.61 -4.14
C TRP C 80 -10.90 -12.49 -4.78
N MSE C 81 -10.26 -11.34 -4.95
CA MSE C 81 -10.88 -10.24 -5.67
C MSE C 81 -9.79 -9.29 -6.17
O MSE C 81 -9.11 -8.65 -5.36
CB MSE C 81 -11.91 -9.50 -4.81
CG MSE C 81 -12.80 -8.61 -5.65
SE MSE C 81 -13.96 -7.44 -4.61
CE MSE C 81 -12.86 -6.18 -3.56
N PHE C 82 -9.67 -9.21 -7.49
CA PHE C 82 -8.77 -8.26 -8.13
C PHE C 82 -9.21 -8.06 -9.57
N ALA C 83 -8.75 -6.97 -10.18
CA ALA C 83 -9.08 -6.66 -11.56
C ALA C 83 -7.79 -6.45 -12.34
N LEU C 84 -7.76 -7.02 -13.55
CA LEU C 84 -6.65 -6.79 -14.47
C LEU C 84 -7.15 -5.87 -15.58
N LEU C 85 -6.39 -4.80 -15.85
CA LEU C 85 -6.64 -3.99 -17.02
C LEU C 85 -5.90 -4.64 -18.19
N VAL C 86 -6.66 -5.08 -19.20
CA VAL C 86 -6.06 -5.81 -20.30
C VAL C 86 -6.13 -4.99 -21.58
N ARG C 87 -5.18 -5.24 -22.49
CA ARG C 87 -5.06 -4.52 -23.75
C ARG C 87 -5.03 -5.51 -24.91
N ASP C 88 -5.70 -5.14 -26.00
CA ASP C 88 -6.01 -5.96 -27.17
C ASP C 88 -5.27 -5.36 -28.36
N VAL C 89 -5.29 -6.06 -29.49
CA VAL C 89 -4.68 -5.60 -30.74
C VAL C 89 -5.14 -4.19 -31.09
N SER C 90 -6.38 -3.83 -30.69
CA SER C 90 -7.03 -2.62 -31.16
C SER C 90 -6.75 -1.40 -30.28
N ASN C 91 -5.75 -1.50 -29.38
CA ASN C 91 -5.26 -0.38 -28.59
C ASN C 91 -6.34 0.19 -27.65
N VAL C 92 -7.19 -0.69 -27.12
CA VAL C 92 -8.20 -0.28 -26.15
C VAL C 92 -8.16 -1.22 -24.95
N THR C 93 -8.40 -0.64 -23.76
CA THR C 93 -8.30 -1.35 -22.51
C THR C 93 -9.68 -1.83 -22.06
N LEU C 94 -9.69 -2.85 -21.20
CA LEU C 94 -10.90 -3.37 -20.57
C LEU C 94 -10.55 -3.86 -19.17
N PRO C 95 -11.30 -3.48 -18.12
CA PRO C 95 -11.08 -4.03 -16.78
C PRO C 95 -11.77 -5.39 -16.64
N VAL C 96 -10.96 -6.42 -16.33
CA VAL C 96 -11.45 -7.78 -16.17
C VAL C 96 -11.33 -8.17 -14.71
N ILE C 97 -12.49 -8.42 -14.08
CA ILE C 97 -12.52 -8.79 -12.67
C ILE C 97 -12.32 -10.30 -12.54
N PHE C 98 -11.40 -10.68 -11.65
CA PHE C 98 -11.25 -12.07 -11.22
C PHE C 98 -11.68 -12.17 -9.75
N PHE C 99 -12.76 -12.92 -9.54
CA PHE C 99 -13.41 -13.03 -8.25
C PHE C 99 -13.57 -14.50 -7.90
N ASP C 100 -13.36 -14.82 -6.61
CA ASP C 100 -13.72 -16.11 -6.06
C ASP C 100 -13.17 -17.24 -6.92
N SER C 101 -14.03 -18.17 -7.33
CA SER C 101 -13.62 -19.43 -7.94
C SER C 101 -12.97 -19.23 -9.32
N ASP C 102 -13.26 -18.10 -9.97
CA ASP C 102 -12.64 -17.78 -11.24
C ASP C 102 -11.20 -17.33 -11.03
N ALA C 103 -10.95 -16.62 -9.93
CA ALA C 103 -9.61 -16.22 -9.57
C ALA C 103 -8.81 -17.45 -9.14
N ALA C 104 -9.47 -18.37 -8.42
CA ALA C 104 -8.86 -19.63 -8.03
C ALA C 104 -8.48 -20.44 -9.27
N GLU C 105 -9.36 -20.42 -10.28
CA GLU C 105 -9.11 -21.05 -11.57
C GLU C 105 -7.82 -20.48 -12.15
N LEU C 106 -7.71 -19.15 -12.16
CA LEU C 106 -6.57 -18.46 -12.75
C LEU C 106 -5.29 -18.80 -11.98
N ILE C 107 -5.36 -18.71 -10.64
CA ILE C 107 -4.19 -18.92 -9.80
C ILE C 107 -3.72 -20.37 -9.90
N ASN C 108 -4.65 -21.33 -9.85
CA ASN C 108 -4.39 -22.72 -10.17
C ASN C 108 -3.25 -23.27 -9.31
N SER C 109 -3.40 -23.13 -7.99
CA SER C 109 -2.38 -23.59 -7.05
C SER C 109 -3.04 -24.03 -5.75
N SER C 110 -2.76 -25.26 -5.35
CA SER C 110 -3.25 -25.84 -4.11
C SER C 110 -2.85 -24.98 -2.92
N LYS C 111 -1.56 -24.60 -2.86
CA LYS C 111 -0.99 -23.94 -1.68
C LYS C 111 -1.26 -22.44 -1.69
N ILE C 112 -1.91 -21.93 -2.74
CA ILE C 112 -2.33 -20.53 -2.74
C ILE C 112 -3.86 -20.46 -2.57
N GLN C 113 -4.29 -19.90 -1.43
CA GLN C 113 -5.67 -19.90 -1.01
C GLN C 113 -6.00 -18.52 -0.43
N PRO C 114 -7.26 -18.03 -0.56
CA PRO C 114 -7.62 -16.72 -0.04
C PRO C 114 -7.56 -16.68 1.48
N CYS C 115 -6.96 -15.62 2.02
CA CYS C 115 -6.80 -15.41 3.44
C CYS C 115 -6.33 -13.98 3.65
N ASN C 116 -6.04 -13.60 4.90
CA ASN C 116 -5.38 -12.34 5.16
C ASN C 116 -3.94 -12.45 4.70
N LEU C 117 -3.64 -11.81 3.55
CA LEU C 117 -2.38 -11.96 2.84
C LEU C 117 -1.25 -11.24 3.57
N ALA C 118 -1.57 -10.15 4.27
CA ALA C 118 -0.57 -9.43 5.05
C ALA C 118 0.03 -10.33 6.14
N ASP C 119 -0.76 -11.29 6.63
CA ASP C 119 -0.36 -12.21 7.68
C ASP C 119 0.31 -13.45 7.08
N HIS C 120 0.29 -13.55 5.75
CA HIS C 120 0.87 -14.69 5.06
C HIS C 120 1.90 -14.21 4.03
N PRO C 121 3.07 -13.68 4.48
CA PRO C 121 4.09 -13.16 3.56
C PRO C 121 4.54 -14.18 2.51
N GLN C 122 4.77 -15.43 2.93
CA GLN C 122 5.26 -16.47 2.05
C GLN C 122 4.24 -16.74 0.94
N MSE C 123 2.96 -16.83 1.33
CA MSE C 123 1.94 -17.10 0.34
C MSE C 123 1.81 -15.92 -0.63
O MSE C 123 1.47 -16.12 -1.79
CB MSE C 123 0.60 -17.41 0.99
CG MSE C 123 -0.35 -18.02 0.00
SE MSE C 123 -2.05 -18.25 0.91
CE MSE C 123 -1.89 -19.90 1.97
N THR C 124 2.09 -14.71 -0.12
CA THR C 124 2.06 -13.53 -0.96
C THR C 124 3.17 -13.63 -2.02
N LEU C 125 4.34 -14.14 -1.61
CA LEU C 125 5.47 -14.31 -2.53
C LEU C 125 5.10 -15.35 -3.60
N GLN C 126 4.38 -16.39 -3.17
CA GLN C 126 3.97 -17.46 -4.07
C GLN C 126 2.96 -16.92 -5.08
N LEU C 127 2.10 -15.98 -4.64
CA LEU C 127 1.14 -15.31 -5.50
C LEU C 127 1.88 -14.45 -6.52
N LYS C 128 2.89 -13.70 -6.05
CA LYS C 128 3.73 -12.87 -6.91
C LYS C 128 4.33 -13.72 -8.03
N GLU C 129 4.90 -14.87 -7.66
CA GLU C 129 5.61 -15.72 -8.58
C GLU C 129 4.66 -16.30 -9.62
N ARG C 130 3.45 -16.64 -9.17
CA ARG C 130 2.48 -17.24 -10.08
C ARG C 130 1.98 -16.20 -11.07
N LEU C 131 1.71 -14.98 -10.59
CA LEU C 131 1.14 -13.93 -11.42
C LEU C 131 2.22 -13.34 -12.34
N PHE C 132 3.50 -13.62 -12.03
CA PHE C 132 4.60 -13.21 -12.88
C PHE C 132 4.41 -13.80 -14.28
N LEU C 133 3.82 -15.01 -14.32
CA LEU C 133 3.63 -15.74 -15.57
C LEU C 133 2.59 -15.07 -16.47
N ILE C 134 1.76 -14.17 -15.92
CA ILE C 134 0.76 -13.50 -16.73
C ILE C 134 1.08 -12.02 -16.96
N TRP C 135 1.88 -11.39 -16.08
CA TRP C 135 2.13 -9.96 -16.23
C TRP C 135 3.61 -9.60 -16.15
N GLY C 136 4.50 -10.60 -16.11
CA GLY C 136 5.94 -10.34 -16.09
C GLY C 136 6.34 -9.40 -14.95
N ASN C 137 7.13 -8.37 -15.30
CA ASN C 137 7.74 -7.45 -14.35
C ASN C 137 6.79 -6.32 -13.95
N LEU C 138 5.52 -6.39 -14.37
CA LEU C 138 4.58 -5.28 -14.20
C LEU C 138 4.47 -4.86 -12.75
N GLU C 139 4.33 -5.84 -11.85
CA GLU C 139 4.08 -5.56 -10.44
C GLU C 139 5.31 -4.92 -9.82
N GLU C 140 6.50 -5.46 -10.15
CA GLU C 140 7.74 -4.91 -9.63
C GLU C 140 7.81 -3.44 -10.01
N ARG C 141 7.38 -3.15 -11.23
CA ARG C 141 7.52 -1.84 -11.85
C ARG C 141 6.51 -0.86 -11.29
N ILE C 142 5.28 -1.34 -11.04
CA ILE C 142 4.26 -0.53 -10.40
C ILE C 142 4.76 -0.09 -9.02
N GLN C 143 5.32 -1.04 -8.26
CA GLN C 143 5.79 -0.76 -6.91
C GLN C 143 7.00 0.16 -6.98
N HIS C 144 7.81 0.01 -8.02
CA HIS C 144 8.96 0.87 -8.22
C HIS C 144 8.50 2.32 -8.32
N HIS C 145 7.48 2.57 -9.16
CA HIS C 145 6.98 3.91 -9.39
C HIS C 145 6.30 4.49 -8.15
N ILE C 146 5.52 3.67 -7.44
CA ILE C 146 4.89 4.13 -6.21
C ILE C 146 5.96 4.66 -5.25
N SER C 147 7.04 3.88 -5.07
CA SER C 147 8.13 4.26 -4.18
C SER C 147 8.82 5.55 -4.61
N LYS C 148 8.79 5.84 -5.92
CA LYS C 148 9.50 6.98 -6.47
C LYS C 148 8.59 8.21 -6.50
N GLY C 149 7.29 8.01 -6.22
CA GLY C 149 6.30 9.08 -6.22
C GLY C 149 5.85 9.43 -7.63
N GLU C 150 5.63 8.40 -8.46
CA GLU C 150 5.22 8.55 -9.84
C GLU C 150 3.98 7.69 -10.07
N SER C 151 3.28 7.92 -11.19
CA SER C 151 2.04 7.22 -11.48
C SER C 151 2.30 5.76 -11.81
N PRO C 152 1.50 4.81 -11.25
CA PRO C 152 1.58 3.40 -11.64
C PRO C 152 1.29 3.08 -13.11
N THR C 153 0.72 4.04 -13.85
CA THR C 153 0.42 3.82 -15.26
C THR C 153 1.70 3.86 -16.10
N LEU C 154 2.78 4.38 -15.50
CA LEU C 154 4.08 4.43 -16.14
C LEU C 154 4.68 3.02 -16.25
N ALA C 155 4.17 2.07 -15.45
CA ALA C 155 4.77 0.75 -15.41
C ALA C 155 4.53 0.00 -16.71
N ALA C 156 3.37 0.22 -17.34
CA ALA C 156 2.98 -0.54 -18.52
C ALA C 156 3.95 -0.27 -19.67
N GLU C 157 4.46 0.96 -19.74
CA GLU C 157 5.30 1.35 -20.86
C GLU C 157 6.75 0.99 -20.58
N ASP C 158 7.01 0.47 -19.38
CA ASP C 158 8.35 0.06 -18.99
C ASP C 158 8.61 -1.40 -19.35
N VAL C 159 7.55 -2.19 -19.59
CA VAL C 159 7.72 -3.64 -19.61
C VAL C 159 7.02 -4.26 -20.81
N GLU C 160 7.41 -5.51 -21.11
CA GLU C 160 6.81 -6.32 -22.15
C GLU C 160 6.14 -7.53 -21.48
N THR C 161 4.81 -7.44 -21.34
CA THR C 161 4.03 -8.44 -20.64
C THR C 161 3.55 -9.48 -21.66
N PRO C 162 3.41 -10.76 -21.28
CA PRO C 162 3.02 -11.81 -22.21
C PRO C 162 1.58 -11.72 -22.73
N TRP C 163 1.34 -12.38 -23.88
CA TRP C 163 0.04 -12.46 -24.51
C TRP C 163 -0.62 -13.78 -24.13
N PHE C 164 -1.94 -13.76 -23.97
CA PHE C 164 -2.69 -14.96 -23.64
C PHE C 164 -4.16 -14.78 -24.01
N ASP C 165 -4.88 -15.90 -24.12
CA ASP C 165 -6.30 -15.87 -24.38
C ASP C 165 -7.05 -15.80 -23.05
N ILE C 166 -8.19 -15.10 -23.09
CA ILE C 166 -9.01 -14.87 -21.91
C ILE C 166 -10.48 -15.03 -22.33
N TYR C 167 -11.28 -15.66 -21.47
CA TYR C 167 -12.73 -15.58 -21.62
C TYR C 167 -13.25 -14.59 -20.59
N VAL C 168 -14.21 -13.76 -21.02
CA VAL C 168 -14.86 -12.84 -20.10
C VAL C 168 -16.37 -13.03 -20.21
N LYS C 169 -17.05 -12.91 -19.08
CA LYS C 169 -18.51 -12.86 -19.06
C LYS C 169 -18.93 -11.42 -18.73
N GLU C 170 -19.78 -10.87 -19.60
CA GLU C 170 -20.27 -9.50 -19.49
C GLU C 170 -21.63 -9.54 -18.79
N TYR C 171 -21.82 -8.63 -17.82
CA TYR C 171 -23.02 -8.62 -16.99
C TYR C 171 -23.24 -7.21 -16.42
N ILE C 172 -24.38 -7.02 -15.75
CA ILE C 172 -24.69 -5.79 -15.04
C ILE C 172 -25.07 -6.14 -13.61
N PRO C 173 -24.23 -5.80 -12.61
CA PRO C 173 -24.56 -6.13 -11.21
C PRO C 173 -25.55 -5.14 -10.62
N VAL C 174 -26.18 -5.55 -9.50
CA VAL C 174 -27.04 -4.69 -8.70
C VAL C 174 -26.14 -3.87 -7.79
N ILE C 175 -26.19 -2.53 -7.94
CA ILE C 175 -25.47 -1.64 -7.05
C ILE C 175 -26.44 -0.56 -6.54
N SER C 183 -32.14 6.03 -14.86
CA SER C 183 -31.20 5.72 -15.98
C SER C 183 -30.41 4.45 -15.66
N LEU C 184 -29.67 3.94 -16.66
CA LEU C 184 -28.60 2.95 -16.51
C LEU C 184 -28.08 2.57 -17.89
N THR C 185 -26.74 2.63 -18.04
CA THR C 185 -26.07 2.66 -19.34
C THR C 185 -25.03 1.54 -19.42
N PHE C 186 -24.08 1.72 -20.35
CA PHE C 186 -22.99 0.78 -20.56
C PHE C 186 -22.00 0.86 -19.40
N LEU C 187 -21.94 2.05 -18.77
CA LEU C 187 -21.07 2.31 -17.64
C LEU C 187 -21.40 1.39 -16.47
N GLN C 188 -22.50 0.64 -16.59
CA GLN C 188 -22.96 -0.24 -15.53
C GLN C 188 -22.52 -1.68 -15.81
N LYS C 189 -21.92 -1.89 -16.98
CA LYS C 189 -21.46 -3.23 -17.35
C LYS C 189 -20.12 -3.50 -16.67
N ARG C 190 -19.97 -4.75 -16.22
CA ARG C 190 -18.73 -5.27 -15.69
C ARG C 190 -18.33 -6.50 -16.50
N TRP C 191 -17.05 -6.86 -16.41
CA TRP C 191 -16.52 -8.04 -17.10
C TRP C 191 -15.75 -8.90 -16.12
N ARG C 192 -16.06 -10.20 -16.12
CA ARG C 192 -15.43 -11.16 -15.22
C ARG C 192 -14.70 -12.22 -16.04
N GLY C 193 -13.40 -12.39 -15.76
CA GLY C 193 -12.62 -13.44 -16.40
C GLY C 193 -13.03 -14.82 -15.89
N PHE C 194 -12.87 -15.83 -16.74
CA PHE C 194 -13.13 -17.21 -16.37
C PHE C 194 -12.51 -18.15 -17.40
N GLY C 195 -12.50 -19.45 -17.05
CA GLY C 195 -12.06 -20.52 -17.93
C GLY C 195 -10.61 -20.38 -18.37
N THR C 196 -9.80 -19.76 -17.52
CA THR C 196 -8.42 -19.43 -17.81
C THR C 196 -7.55 -19.82 -16.62
N LYS C 197 -6.49 -20.60 -16.86
CA LYS C 197 -5.65 -21.09 -15.77
C LYS C 197 -4.18 -20.93 -16.11
N ILE C 198 -3.37 -20.57 -15.10
CA ILE C 198 -1.92 -20.47 -15.21
C ILE C 198 -1.30 -21.84 -14.98
N VAL C 199 -0.24 -22.16 -15.74
CA VAL C 199 0.31 -23.50 -15.78
C VAL C 199 1.84 -23.47 -15.86
N PHE D 22 -9.24 5.20 -21.93
CA PHE D 22 -10.25 5.77 -20.98
C PHE D 22 -10.01 5.22 -19.57
N HIS D 23 -10.25 6.07 -18.56
CA HIS D 23 -9.92 5.78 -17.17
C HIS D 23 -11.10 5.11 -16.46
N TRP D 24 -10.91 3.83 -16.11
CA TRP D 24 -11.99 3.00 -15.57
C TRP D 24 -12.11 3.16 -14.06
N LYS D 25 -13.32 2.86 -13.54
CA LYS D 25 -13.62 2.96 -12.13
C LYS D 25 -12.85 1.90 -11.34
N ASN D 26 -12.68 0.72 -11.96
CA ASN D 26 -12.15 -0.47 -11.31
C ASN D 26 -10.64 -0.37 -11.11
N MSE D 27 -10.02 0.70 -11.62
CA MSE D 27 -8.59 0.91 -11.46
C MSE D 27 -8.32 1.83 -10.27
O MSE D 27 -7.17 2.19 -10.01
CB MSE D 27 -7.97 1.44 -12.75
CG MSE D 27 -7.78 0.41 -13.85
SE MSE D 27 -6.76 -1.18 -13.27
CE MSE D 27 -7.88 -2.79 -13.38
N THR D 28 -9.39 2.19 -9.53
CA THR D 28 -9.24 3.02 -8.34
C THR D 28 -10.02 2.44 -7.15
N SER D 29 -11.07 1.67 -7.43
CA SER D 29 -11.97 1.17 -6.40
C SER D 29 -12.72 -0.06 -6.90
N LEU D 30 -12.96 -1.03 -6.02
CA LEU D 30 -13.60 -2.27 -6.39
C LEU D 30 -14.25 -2.92 -5.17
N SER D 31 -15.53 -3.29 -5.32
CA SER D 31 -16.34 -3.81 -4.23
C SER D 31 -16.88 -5.19 -4.57
N ILE D 32 -17.30 -5.94 -3.54
CA ILE D 32 -17.87 -7.27 -3.70
C ILE D 32 -19.17 -7.18 -4.50
N GLU D 33 -19.94 -6.10 -4.28
CA GLU D 33 -21.18 -5.83 -5.00
C GLU D 33 -20.97 -6.00 -6.51
N GLU D 34 -19.90 -5.39 -7.04
CA GLU D 34 -19.65 -5.28 -8.47
C GLU D 34 -19.33 -6.64 -9.09
N CYS D 35 -18.92 -7.60 -8.26
CA CYS D 35 -18.44 -8.89 -8.74
C CYS D 35 -19.58 -9.91 -8.78
N ILE D 36 -20.68 -9.63 -8.07
CA ILE D 36 -21.78 -10.57 -7.99
C ILE D 36 -22.64 -10.46 -9.24
N ILE D 37 -22.63 -11.53 -10.05
CA ILE D 37 -23.50 -11.63 -11.21
C ILE D 37 -24.89 -12.02 -10.71
N PRO D 38 -25.94 -11.21 -10.98
CA PRO D 38 -27.32 -11.56 -10.61
C PRO D 38 -27.71 -12.96 -11.09
N LYS D 39 -28.58 -13.61 -10.32
CA LYS D 39 -28.89 -15.03 -10.48
C LYS D 39 -29.52 -15.30 -11.84
N GLY D 40 -30.35 -14.35 -12.33
CA GLY D 40 -31.02 -14.48 -13.61
C GLY D 40 -30.04 -14.44 -14.78
N GLN D 41 -29.08 -13.51 -14.70
CA GLN D 41 -28.06 -13.32 -15.72
C GLN D 41 -27.10 -14.51 -15.73
N GLN D 42 -26.95 -15.15 -14.57
CA GLN D 42 -26.08 -16.29 -14.42
C GLN D 42 -26.67 -17.47 -15.20
N LEU D 43 -28.00 -17.60 -15.12
CA LEU D 43 -28.73 -18.70 -15.75
C LEU D 43 -28.71 -18.57 -17.28
N ILE D 44 -28.69 -17.34 -17.78
CA ILE D 44 -28.60 -17.10 -19.21
C ILE D 44 -27.25 -17.59 -19.72
N LEU D 45 -26.18 -17.17 -19.03
CA LEU D 45 -24.81 -17.51 -19.41
C LEU D 45 -24.62 -19.02 -19.33
N GLU D 46 -25.15 -19.65 -18.26
CA GLU D 46 -24.97 -21.07 -18.00
C GLU D 46 -25.62 -21.91 -19.09
N LYS D 47 -26.77 -21.45 -19.61
CA LYS D 47 -27.49 -22.17 -20.65
C LYS D 47 -26.77 -22.04 -21.99
N GLU D 48 -26.21 -20.85 -22.25
CA GLU D 48 -25.56 -20.55 -23.52
C GLU D 48 -24.16 -21.16 -23.57
N SER D 49 -23.74 -21.78 -22.47
CA SER D 49 -22.47 -22.49 -22.40
C SER D 49 -22.65 -23.95 -22.86
S SO4 E . -8.33 -10.72 15.52
O1 SO4 E . -9.04 -9.71 14.79
O2 SO4 E . -7.49 -11.46 14.62
O3 SO4 E . -7.54 -10.10 16.55
O4 SO4 E . -9.27 -11.62 16.13
S SO4 F . 13.61 4.28 -13.76
O1 SO4 F . 13.08 5.16 -14.77
O2 SO4 F . 14.45 3.31 -14.38
O3 SO4 F . 14.36 5.04 -12.80
O4 SO4 F . 12.52 3.62 -13.10
#